data_4OBO
#
_entry.id   4OBO
#
_cell.length_a   80.000
_cell.length_b   81.651
_cell.length_c   93.296
_cell.angle_alpha   90.00
_cell.angle_beta   90.00
_cell.angle_gamma   90.00
#
_symmetry.space_group_name_H-M   'P 21 21 21'
#
loop_
_entity.id
_entity.type
_entity.pdbx_description
1 polymer 'Mitogen-activated protein kinase kinase kinase kinase 4'
2 non-polymer '2-(N-MORPHOLINO)-ETHANESULFONIC ACID'
3 non-polymer 'SODIUM ION'
4 non-polymer 6-(3-chlorophenyl)quinazolin-4-amine
5 water water
#
_entity_poly.entity_id   1
_entity_poly.type   'polypeptide(L)'
_entity_poly.pdbx_seq_one_letter_code
;GSANDSPAKSLVDIDLSSLRDPAGIFELVEVVGNGTYGQVYKGRHVKTGQLAAIKVMDVTEDEEEEIKLEINMLKKYSHH
RNIATYYGAFIKKSPPGHDDQLWLVMEFCGAGSITDLVKNTKGNTLKEDWIAYISREILRGLAHLHIHHVIHRDIKGQNV
LLTENAEVKLVDFGVSAQLDRTVGRRNTFIGTPYWMAPEVIACDENPDATYDYRSDLWSCGITAIEMAEGAPPLCDMHPM
RALFLIPRNPPPRLKSKKWSKKFFSFIEGCLVKNYMQRPSTEQLLKHPFIRDQPNERQVRIQLKDHIDRTRKKRGEKDET
EYEYSGSEEGNS
;
_entity_poly.pdbx_strand_id   A,B
#
loop_
_chem_comp.id
_chem_comp.type
_chem_comp.name
_chem_comp.formula
2QV non-polymer 6-(3-chlorophenyl)quinazolin-4-amine 'C14 H10 Cl N3'
MES non-polymer '2-(N-MORPHOLINO)-ETHANESULFONIC ACID' 'C6 H13 N O4 S'
NA non-polymer 'SODIUM ION' 'Na 1'
#
# COMPACT_ATOMS: atom_id res chain seq x y z
N SER A 17 23.21 -13.08 23.48
CA SER A 17 23.31 -11.67 23.82
C SER A 17 23.44 -10.73 22.60
N SER A 18 23.87 -11.28 21.44
CA SER A 18 24.04 -10.51 20.19
C SER A 18 23.52 -11.30 18.99
N LEU A 19 22.69 -10.63 18.17
CA LEU A 19 22.05 -11.20 16.97
C LEU A 19 23.06 -11.64 15.93
N ARG A 20 22.88 -12.87 15.43
CA ARG A 20 23.83 -13.47 14.48
C ARG A 20 23.47 -13.18 13.04
N ASP A 21 24.45 -13.37 12.12
CA ASP A 21 24.22 -13.27 10.67
C ASP A 21 23.42 -14.55 10.29
N PRO A 22 22.46 -14.49 9.36
CA PRO A 22 21.65 -15.70 9.05
C PRO A 22 22.29 -16.76 8.12
N ALA A 23 23.42 -16.39 7.46
CA ALA A 23 24.15 -17.29 6.55
C ALA A 23 24.41 -18.67 7.15
N GLY A 24 23.85 -19.70 6.51
CA GLY A 24 23.97 -21.10 6.94
C GLY A 24 22.96 -21.53 7.98
N ILE A 25 22.05 -20.61 8.39
CA ILE A 25 20.99 -20.90 9.37
C ILE A 25 19.63 -20.80 8.68
N PHE A 26 19.34 -19.65 8.07
CA PHE A 26 18.12 -19.44 7.30
C PHE A 26 18.46 -18.87 5.95
N GLU A 27 17.69 -19.27 4.93
CA GLU A 27 17.85 -18.77 3.56
C GLU A 27 16.51 -18.36 2.98
N LEU A 28 16.51 -17.33 2.15
CA LEU A 28 15.30 -16.86 1.51
C LEU A 28 15.01 -17.74 0.31
N VAL A 29 13.76 -18.16 0.14
CA VAL A 29 13.34 -19.00 -0.97
C VAL A 29 12.60 -18.14 -2.00
N GLU A 30 11.47 -17.51 -1.61
CA GLU A 30 10.66 -16.65 -2.48
C GLU A 30 9.73 -15.70 -1.70
N VAL A 31 9.33 -14.57 -2.32
CA VAL A 31 8.43 -13.57 -1.72
C VAL A 31 7.02 -14.17 -1.52
N VAL A 32 6.39 -13.84 -0.36
CA VAL A 32 5.04 -14.26 0.04
C VAL A 32 4.20 -12.98 0.32
N GLY A 33 2.98 -12.88 -0.21
CA GLY A 33 2.35 -13.84 -1.12
C GLY A 33 2.49 -13.29 -2.51
N ASN A 34 3.77 -13.25 -2.96
CA ASN A 34 4.25 -12.70 -4.24
C ASN A 34 4.19 -11.15 -4.31
N GLY A 35 3.62 -10.52 -3.27
CA GLY A 35 3.52 -9.07 -3.13
C GLY A 35 2.35 -8.52 -2.33
N THR A 36 1.89 -9.25 -1.29
CA THR A 36 0.75 -8.84 -0.45
C THR A 36 1.07 -8.48 1.02
N TYR A 37 2.21 -8.97 1.56
CA TYR A 37 2.63 -8.68 2.93
C TYR A 37 3.88 -7.79 2.96
N GLY A 38 4.25 -7.27 1.80
CA GLY A 38 5.48 -6.51 1.63
C GLY A 38 6.66 -7.47 1.61
N GLN A 39 7.75 -7.11 2.30
CA GLN A 39 9.00 -7.87 2.39
C GLN A 39 8.96 -9.09 3.32
N VAL A 40 8.00 -10.00 3.09
CA VAL A 40 7.86 -11.25 3.83
C VAL A 40 8.16 -12.40 2.85
N TYR A 41 9.12 -13.26 3.22
CA TYR A 41 9.52 -14.37 2.35
C TYR A 41 9.23 -15.74 2.90
N LYS A 42 9.02 -16.70 1.98
CA LYS A 42 8.99 -18.11 2.32
C LYS A 42 10.50 -18.38 2.45
N GLY A 43 10.88 -18.91 3.60
CA GLY A 43 12.27 -19.20 3.91
C GLY A 43 12.46 -20.63 4.37
N ARG A 44 13.70 -21.01 4.66
CA ARG A 44 13.99 -22.38 5.05
C ARG A 44 15.12 -22.43 6.04
N HIS A 45 14.96 -23.28 7.05
CA HIS A 45 15.99 -23.53 8.03
C HIS A 45 16.99 -24.46 7.30
N VAL A 46 18.19 -23.94 6.99
CA VAL A 46 19.26 -24.59 6.23
C VAL A 46 19.54 -26.06 6.64
N LYS A 47 19.90 -26.27 7.90
CA LYS A 47 20.27 -27.59 8.42
C LYS A 47 19.18 -28.66 8.46
N THR A 48 17.91 -28.26 8.57
CA THR A 48 16.79 -29.22 8.69
C THR A 48 15.80 -29.22 7.50
N GLY A 49 15.82 -28.18 6.68
CA GLY A 49 14.86 -28.07 5.58
C GLY A 49 13.52 -27.55 6.03
N GLN A 50 13.31 -27.36 7.36
CA GLN A 50 12.08 -26.83 7.93
C GLN A 50 11.78 -25.47 7.33
N LEU A 51 10.55 -25.28 6.85
CA LEU A 51 10.18 -23.99 6.27
C LEU A 51 9.96 -22.93 7.34
N ALA A 52 10.13 -21.64 6.97
CA ALA A 52 9.93 -20.52 7.88
C ALA A 52 9.49 -19.27 7.11
N ALA A 53 8.72 -18.37 7.77
CA ALA A 53 8.37 -17.11 7.13
C ALA A 53 9.35 -16.14 7.69
N ILE A 54 9.89 -15.29 6.81
CA ILE A 54 10.92 -14.34 7.21
C ILE A 54 10.56 -12.94 6.79
N LYS A 55 10.44 -12.03 7.77
CA LYS A 55 10.19 -10.64 7.46
C LYS A 55 11.55 -9.96 7.39
N VAL A 56 11.82 -9.29 6.27
CA VAL A 56 13.06 -8.58 6.06
C VAL A 56 12.85 -7.10 6.20
N MET A 57 13.61 -6.47 7.12
CA MET A 57 13.53 -5.05 7.44
C MET A 57 14.89 -4.41 7.37
N ASP A 58 14.95 -3.21 6.79
CA ASP A 58 16.18 -2.42 6.71
C ASP A 58 16.32 -1.68 8.05
N VAL A 59 17.48 -1.81 8.70
CA VAL A 59 17.75 -1.22 10.02
C VAL A 59 19.05 -0.40 10.06
N THR A 60 19.12 0.57 11.00
CA THR A 60 20.31 1.39 11.23
C THR A 60 21.15 0.78 12.34
N GLU A 66 16.97 -2.05 21.39
CA GLU A 66 15.61 -1.93 20.90
C GLU A 66 15.12 -3.28 20.36
N ILE A 67 15.77 -3.78 19.27
CA ILE A 67 15.45 -5.03 18.59
C ILE A 67 15.36 -6.20 19.56
N LYS A 68 16.42 -6.42 20.38
CA LYS A 68 16.51 -7.49 21.39
C LYS A 68 15.29 -7.62 22.33
N LEU A 69 14.70 -6.48 22.73
CA LEU A 69 13.52 -6.45 23.59
C LEU A 69 12.29 -6.99 22.86
N GLU A 70 12.09 -6.59 21.57
CA GLU A 70 10.99 -7.03 20.70
C GLU A 70 11.07 -8.53 20.40
N ILE A 71 12.31 -9.06 20.29
CA ILE A 71 12.65 -10.48 20.07
C ILE A 71 12.11 -11.29 21.24
N ASN A 72 12.53 -10.93 22.48
CA ASN A 72 12.10 -11.57 23.72
C ASN A 72 10.59 -11.43 23.94
N MET A 73 10.00 -10.28 23.50
CA MET A 73 8.56 -10.00 23.63
C MET A 73 7.71 -10.83 22.66
N LEU A 74 8.09 -10.86 21.36
CA LEU A 74 7.40 -11.64 20.33
C LEU A 74 7.56 -13.14 20.61
N LYS A 75 8.64 -13.53 21.32
CA LYS A 75 8.93 -14.90 21.73
C LYS A 75 7.84 -15.42 22.67
N LYS A 76 7.66 -14.78 23.84
CA LYS A 76 6.69 -15.21 24.85
C LYS A 76 5.22 -15.28 24.43
N TYR A 77 4.73 -14.25 23.72
CA TYR A 77 3.33 -14.21 23.31
C TYR A 77 2.99 -15.08 22.09
N SER A 78 3.99 -15.58 21.37
CA SER A 78 3.78 -16.42 20.18
C SER A 78 3.71 -17.93 20.48
N HIS A 79 4.00 -18.34 21.74
CA HIS A 79 3.99 -19.76 22.15
C HIS A 79 2.60 -20.42 22.17
N HIS A 80 1.55 -19.67 21.83
CA HIS A 80 0.17 -20.15 21.79
C HIS A 80 -0.06 -20.87 20.46
N ARG A 81 -0.91 -21.90 20.45
CA ARG A 81 -1.24 -22.70 19.27
C ARG A 81 -1.95 -21.99 18.11
N ASN A 82 -2.55 -20.80 18.37
CA ASN A 82 -3.29 -20.03 17.36
C ASN A 82 -2.54 -18.79 16.93
N ILE A 83 -1.24 -18.74 17.23
CA ILE A 83 -0.33 -17.67 16.83
C ILE A 83 0.92 -18.29 16.17
N ALA A 84 1.39 -17.76 15.01
CA ALA A 84 2.59 -18.36 14.42
C ALA A 84 3.82 -18.11 15.31
N THR A 85 4.48 -19.18 15.76
CA THR A 85 5.63 -19.17 16.69
C THR A 85 6.84 -18.39 16.16
N TYR A 86 7.41 -17.54 17.01
CA TYR A 86 8.60 -16.77 16.70
C TYR A 86 9.83 -17.63 16.94
N TYR A 87 10.75 -17.66 15.96
CA TYR A 87 11.98 -18.44 16.05
C TYR A 87 13.17 -17.62 16.54
N GLY A 88 13.47 -16.52 15.85
CA GLY A 88 14.59 -15.67 16.21
C GLY A 88 14.79 -14.48 15.28
N ALA A 89 15.80 -13.68 15.59
CA ALA A 89 16.15 -12.49 14.85
C ALA A 89 17.60 -12.60 14.39
N PHE A 90 17.84 -12.10 13.18
CA PHE A 90 19.14 -12.15 12.54
C PHE A 90 19.44 -10.82 11.88
N ILE A 91 20.73 -10.51 11.74
CA ILE A 91 21.20 -9.29 11.09
C ILE A 91 22.08 -9.64 9.89
N LYS A 92 21.62 -9.30 8.68
CA LYS A 92 22.38 -9.46 7.45
C LYS A 92 23.18 -8.18 7.28
N LYS A 93 24.52 -8.27 7.35
CA LYS A 93 25.39 -7.10 7.25
C LYS A 93 25.58 -6.56 5.83
N SER A 94 25.78 -5.23 5.75
CA SER A 94 26.01 -4.47 4.52
C SER A 94 27.26 -3.59 4.64
N ASP A 99 22.63 -0.44 3.87
CA ASP A 99 21.74 -0.51 5.05
C ASP A 99 21.58 -1.95 5.50
N ASP A 100 21.85 -2.23 6.80
CA ASP A 100 21.75 -3.55 7.42
C ASP A 100 20.32 -4.12 7.37
N GLN A 101 20.18 -5.44 7.19
CA GLN A 101 18.87 -6.12 7.11
C GLN A 101 18.55 -6.91 8.38
N LEU A 102 17.38 -6.68 8.99
CA LEU A 102 16.91 -7.44 10.14
C LEU A 102 15.99 -8.51 9.58
N TRP A 103 16.21 -9.75 10.01
CA TRP A 103 15.41 -10.90 9.59
C TRP A 103 14.68 -11.42 10.80
N LEU A 104 13.34 -11.41 10.74
CA LEU A 104 12.49 -11.90 11.81
C LEU A 104 11.93 -13.20 11.32
N VAL A 105 12.31 -14.24 12.02
CA VAL A 105 11.98 -15.59 11.62
C VAL A 105 10.88 -16.19 12.45
N MET A 106 9.90 -16.74 11.76
CA MET A 106 8.77 -17.38 12.39
C MET A 106 8.36 -18.64 11.63
N GLU A 107 7.58 -19.45 12.31
CA GLU A 107 6.95 -20.66 11.81
C GLU A 107 6.18 -20.35 10.52
N PHE A 108 6.33 -21.24 9.53
CA PHE A 108 5.65 -21.10 8.25
C PHE A 108 4.36 -21.87 8.29
N CYS A 109 3.28 -21.29 7.77
CA CYS A 109 1.98 -21.92 7.67
C CYS A 109 1.76 -22.18 6.14
N GLY A 110 1.93 -23.44 5.72
CA GLY A 110 1.92 -23.88 4.32
C GLY A 110 0.63 -23.91 3.52
N ALA A 111 -0.54 -23.72 4.15
CA ALA A 111 -1.78 -23.79 3.39
C ALA A 111 -2.44 -22.44 3.02
N GLY A 112 -1.64 -21.37 3.07
CA GLY A 112 -2.09 -20.04 2.70
C GLY A 112 -3.02 -19.38 3.72
N SER A 113 -3.58 -18.23 3.33
CA SER A 113 -4.45 -17.44 4.19
C SER A 113 -5.92 -17.83 4.07
N ILE A 114 -6.76 -17.31 4.97
CA ILE A 114 -8.21 -17.54 4.93
C ILE A 114 -8.79 -16.88 3.69
N THR A 115 -8.26 -15.71 3.29
CA THR A 115 -8.67 -15.02 2.05
C THR A 115 -8.45 -15.94 0.83
N ASP A 116 -7.27 -16.60 0.74
CA ASP A 116 -6.93 -17.56 -0.32
C ASP A 116 -7.94 -18.70 -0.32
N LEU A 117 -8.26 -19.26 0.88
CA LEU A 117 -9.20 -20.34 1.08
C LEU A 117 -10.58 -19.99 0.52
N VAL A 118 -11.09 -18.77 0.80
CA VAL A 118 -12.41 -18.36 0.31
C VAL A 118 -12.39 -18.19 -1.23
N LYS A 119 -11.31 -17.58 -1.74
CA LYS A 119 -11.05 -17.33 -3.15
C LYS A 119 -11.02 -18.64 -3.95
N ASN A 120 -10.40 -19.71 -3.39
CA ASN A 120 -10.23 -21.01 -4.03
C ASN A 120 -11.42 -21.96 -3.79
N THR A 121 -12.51 -21.42 -3.21
CA THR A 121 -13.73 -22.19 -2.93
C THR A 121 -14.79 -21.82 -3.98
N LYS A 122 -15.56 -22.82 -4.42
CA LYS A 122 -16.64 -22.63 -5.38
C LYS A 122 -17.73 -21.74 -4.72
N GLY A 123 -18.04 -20.64 -5.39
CA GLY A 123 -19.02 -19.66 -4.94
C GLY A 123 -18.47 -18.63 -3.97
N ASN A 124 -17.15 -18.66 -3.69
CA ASN A 124 -16.44 -17.72 -2.79
C ASN A 124 -17.20 -17.57 -1.46
N THR A 125 -17.52 -18.71 -0.84
CA THR A 125 -18.28 -18.79 0.40
C THR A 125 -17.90 -20.07 1.12
N LEU A 126 -17.71 -19.97 2.45
CA LEU A 126 -17.39 -21.13 3.28
C LEU A 126 -18.65 -21.56 4.01
N LYS A 127 -18.77 -22.86 4.31
CA LYS A 127 -19.89 -23.43 5.09
C LYS A 127 -19.88 -22.80 6.48
N GLU A 128 -21.07 -22.59 7.05
CA GLU A 128 -21.21 -21.98 8.38
C GLU A 128 -20.37 -22.64 9.45
N ASP A 129 -20.32 -23.99 9.49
CA ASP A 129 -19.51 -24.70 10.49
C ASP A 129 -18.01 -24.49 10.30
N TRP A 130 -17.58 -24.18 9.07
CA TRP A 130 -16.16 -23.85 8.82
C TRP A 130 -15.87 -22.46 9.40
N ILE A 131 -16.82 -21.52 9.20
CA ILE A 131 -16.74 -20.15 9.70
C ILE A 131 -16.69 -20.15 11.20
N ALA A 132 -17.52 -20.98 11.85
CA ALA A 132 -17.55 -21.12 13.32
C ALA A 132 -16.25 -21.64 13.86
N TYR A 133 -15.64 -22.61 13.18
CA TYR A 133 -14.34 -23.21 13.58
C TYR A 133 -13.20 -22.21 13.44
N ILE A 134 -13.09 -21.57 12.27
CA ILE A 134 -12.03 -20.59 12.01
C ILE A 134 -12.17 -19.38 12.94
N SER A 135 -13.40 -18.86 13.10
CA SER A 135 -13.62 -17.70 13.99
C SER A 135 -13.23 -18.00 15.44
N ARG A 136 -13.56 -19.22 15.96
CA ARG A 136 -13.15 -19.61 17.32
C ARG A 136 -11.62 -19.62 17.47
N GLU A 137 -10.91 -20.19 16.47
CA GLU A 137 -9.43 -20.22 16.50
C GLU A 137 -8.80 -18.81 16.51
N ILE A 138 -9.40 -17.89 15.73
CA ILE A 138 -8.97 -16.47 15.68
C ILE A 138 -9.17 -15.86 17.07
N LEU A 139 -10.37 -16.06 17.66
CA LEU A 139 -10.72 -15.54 18.99
C LEU A 139 -9.81 -16.09 20.07
N ARG A 140 -9.40 -17.38 19.97
CA ARG A 140 -8.48 -18.01 20.94
C ARG A 140 -7.12 -17.35 20.88
N GLY A 141 -6.65 -17.08 19.66
CA GLY A 141 -5.38 -16.38 19.44
C GLY A 141 -5.45 -14.98 20.02
N LEU A 142 -6.56 -14.29 19.73
CA LEU A 142 -6.80 -12.93 20.25
C LEU A 142 -6.92 -12.91 21.75
N ALA A 143 -7.58 -13.92 22.35
CA ALA A 143 -7.73 -13.98 23.83
C ALA A 143 -6.36 -14.02 24.49
N HIS A 144 -5.41 -14.80 23.93
CA HIS A 144 -4.04 -14.91 24.42
C HIS A 144 -3.32 -13.57 24.33
N LEU A 145 -3.45 -12.85 23.19
CA LEU A 145 -2.82 -11.53 23.06
C LEU A 145 -3.47 -10.53 24.01
N HIS A 146 -4.81 -10.52 24.09
CA HIS A 146 -5.55 -9.56 24.92
C HIS A 146 -5.27 -9.72 26.39
N ILE A 147 -5.22 -10.99 26.91
CA ILE A 147 -4.90 -11.25 28.32
C ILE A 147 -3.51 -10.69 28.70
N HIS A 148 -2.58 -10.66 27.72
CA HIS A 148 -1.22 -10.15 27.87
C HIS A 148 -1.09 -8.68 27.45
N HIS A 149 -2.22 -7.94 27.33
CA HIS A 149 -2.28 -6.50 27.00
C HIS A 149 -1.68 -6.13 25.64
N VAL A 150 -1.85 -7.02 24.65
CA VAL A 150 -1.38 -6.83 23.30
C VAL A 150 -2.61 -6.67 22.39
N ILE A 151 -2.57 -5.71 21.47
CA ILE A 151 -3.63 -5.53 20.48
C ILE A 151 -3.03 -5.99 19.16
N HIS A 152 -3.76 -6.81 18.41
CA HIS A 152 -3.24 -7.30 17.13
C HIS A 152 -3.19 -6.17 16.13
N ARG A 153 -4.29 -5.40 15.99
CA ARG A 153 -4.44 -4.23 15.12
C ARG A 153 -4.63 -4.52 13.64
N ASP A 154 -4.40 -5.78 13.20
CA ASP A 154 -4.58 -6.07 11.76
C ASP A 154 -5.21 -7.40 11.45
N ILE A 155 -6.35 -7.68 12.08
CA ILE A 155 -7.10 -8.91 11.85
C ILE A 155 -7.85 -8.80 10.53
N LYS A 156 -7.60 -9.76 9.64
CA LYS A 156 -8.25 -9.87 8.35
C LYS A 156 -7.93 -11.21 7.79
N GLY A 157 -8.68 -11.63 6.76
CA GLY A 157 -8.49 -12.93 6.14
C GLY A 157 -7.06 -13.23 5.76
N GLN A 158 -6.35 -12.19 5.28
CA GLN A 158 -4.95 -12.27 4.86
C GLN A 158 -3.98 -12.52 5.99
N ASN A 159 -4.31 -12.11 7.23
CA ASN A 159 -3.46 -12.32 8.41
C ASN A 159 -3.83 -13.54 9.26
N VAL A 160 -4.73 -14.38 8.74
CA VAL A 160 -5.13 -15.60 9.42
C VAL A 160 -4.69 -16.71 8.48
N LEU A 161 -3.72 -17.49 8.92
CA LEU A 161 -3.13 -18.52 8.08
C LEU A 161 -3.49 -19.92 8.46
N LEU A 162 -3.41 -20.82 7.46
CA LEU A 162 -3.68 -22.24 7.65
C LEU A 162 -2.42 -23.04 7.47
N THR A 163 -2.38 -24.19 8.13
CA THR A 163 -1.32 -25.18 7.99
C THR A 163 -1.94 -26.34 7.20
N GLU A 164 -1.13 -27.34 6.80
CA GLU A 164 -1.61 -28.52 6.08
C GLU A 164 -2.56 -29.34 6.93
N ASN A 165 -2.33 -29.36 8.27
CA ASN A 165 -3.16 -30.06 9.26
C ASN A 165 -4.38 -29.22 9.64
N ALA A 166 -4.61 -28.13 8.88
CA ALA A 166 -5.74 -27.25 9.05
C ALA A 166 -5.73 -26.56 10.43
N GLU A 167 -4.54 -26.21 10.95
CA GLU A 167 -4.38 -25.42 12.16
C GLU A 167 -4.51 -23.95 11.75
N VAL A 168 -5.23 -23.15 12.55
CA VAL A 168 -5.50 -21.73 12.27
C VAL A 168 -4.57 -20.88 13.13
N LYS A 169 -3.73 -20.05 12.49
CA LYS A 169 -2.76 -19.22 13.22
C LYS A 169 -2.75 -17.76 12.77
N LEU A 170 -2.60 -16.86 13.75
CA LEU A 170 -2.56 -15.42 13.49
C LEU A 170 -1.15 -15.03 13.16
N VAL A 171 -1.01 -14.02 12.33
CA VAL A 171 0.25 -13.48 11.87
C VAL A 171 0.15 -11.94 11.81
N ASP A 172 1.31 -11.25 11.80
CA ASP A 172 1.43 -9.78 11.68
C ASP A 172 1.02 -8.93 12.90
N PHE A 173 1.65 -9.18 14.06
CA PHE A 173 1.42 -8.39 15.28
C PHE A 173 2.76 -7.87 15.84
N GLY A 174 2.74 -6.62 16.31
CA GLY A 174 3.90 -5.97 16.91
C GLY A 174 3.79 -5.86 18.41
N ARG A 186 9.25 3.65 7.27
CA ARG A 186 8.60 2.83 8.29
C ARG A 186 7.37 3.55 8.84
N ASN A 187 6.18 2.91 8.70
CA ASN A 187 4.87 3.44 9.09
C ASN A 187 4.57 4.80 8.42
N THR A 188 4.60 4.81 7.08
CA THR A 188 4.38 5.97 6.23
C THR A 188 3.10 5.78 5.35
N PHE A 189 2.64 4.52 5.23
CA PHE A 189 1.50 4.11 4.43
C PHE A 189 0.29 3.69 5.24
N ILE A 190 -0.89 3.93 4.69
CA ILE A 190 -2.13 3.53 5.31
C ILE A 190 -2.55 2.36 4.43
N GLY A 191 -2.80 1.23 5.07
CA GLY A 191 -3.25 0.02 4.39
C GLY A 191 -4.72 0.03 3.98
N THR A 192 -5.27 -1.15 3.87
CA THR A 192 -6.67 -1.34 3.51
C THR A 192 -7.60 -0.94 4.67
N PRO A 193 -8.69 -0.21 4.42
CA PRO A 193 -9.54 0.22 5.54
C PRO A 193 -10.71 -0.70 5.91
N TYR A 194 -11.04 -1.68 5.05
CA TYR A 194 -12.24 -2.52 5.17
C TYR A 194 -12.48 -3.29 6.46
N TRP A 195 -11.43 -3.62 7.20
CA TRP A 195 -11.50 -4.35 8.47
C TRP A 195 -11.35 -3.42 9.68
N MET A 196 -11.12 -2.13 9.46
CA MET A 196 -10.94 -1.14 10.53
C MET A 196 -12.22 -0.85 11.28
N ALA A 197 -12.16 -0.87 12.61
CA ALA A 197 -13.29 -0.57 13.51
C ALA A 197 -13.55 0.94 13.49
N PRO A 198 -14.80 1.38 13.73
CA PRO A 198 -15.08 2.84 13.73
C PRO A 198 -14.17 3.71 14.61
N GLU A 199 -13.85 3.23 15.82
CA GLU A 199 -13.01 4.00 16.76
C GLU A 199 -11.56 4.25 16.29
N VAL A 200 -11.07 3.46 15.35
CA VAL A 200 -9.70 3.54 14.84
C VAL A 200 -9.59 4.62 13.71
N ILE A 201 -10.72 5.13 13.24
CA ILE A 201 -10.76 6.12 12.14
C ILE A 201 -11.02 7.50 12.76
N ALA A 202 -10.04 8.39 12.65
CA ALA A 202 -10.11 9.74 13.16
C ALA A 202 -11.15 10.57 12.40
N CYS A 203 -11.99 11.29 13.15
CA CYS A 203 -13.02 12.17 12.57
C CYS A 203 -13.33 13.30 13.62
N ASP A 204 -14.21 14.28 13.33
CA ASP A 204 -14.45 15.40 14.29
C ASP A 204 -14.61 15.09 15.80
N GLU A 205 -15.50 14.15 16.18
CA GLU A 205 -15.71 13.78 17.61
C GLU A 205 -14.68 12.78 18.12
N ASN A 206 -13.88 12.20 17.21
CA ASN A 206 -12.86 11.24 17.58
C ASN A 206 -11.47 11.70 17.01
N PRO A 207 -10.95 12.91 17.40
CA PRO A 207 -9.67 13.40 16.81
C PRO A 207 -8.47 12.50 17.04
N ASP A 208 -8.46 11.78 18.17
CA ASP A 208 -7.39 10.84 18.47
C ASP A 208 -7.96 9.41 18.41
N ALA A 209 -7.68 8.74 17.28
CA ALA A 209 -8.10 7.39 16.92
C ALA A 209 -7.68 6.35 17.95
N THR A 210 -8.66 5.60 18.42
CA THR A 210 -8.58 4.60 19.46
C THR A 210 -8.36 3.16 19.01
N TYR A 211 -7.12 2.64 19.09
CA TYR A 211 -6.96 1.19 18.91
C TYR A 211 -7.13 0.62 20.33
N ASP A 212 -8.26 -0.05 20.58
CA ASP A 212 -8.59 -0.69 21.87
C ASP A 212 -8.59 -2.19 21.57
N TYR A 213 -8.43 -3.10 22.58
CA TYR A 213 -8.45 -4.54 22.30
C TYR A 213 -9.75 -4.95 21.55
N ARG A 214 -10.87 -4.24 21.83
CA ARG A 214 -12.19 -4.50 21.19
C ARG A 214 -12.20 -4.18 19.70
N SER A 215 -11.22 -3.39 19.24
CA SER A 215 -11.05 -3.09 17.81
C SER A 215 -10.74 -4.37 17.01
N ASP A 216 -10.02 -5.32 17.61
CA ASP A 216 -9.71 -6.60 16.96
C ASP A 216 -10.97 -7.46 16.81
N LEU A 217 -11.93 -7.32 17.73
CA LEU A 217 -13.19 -8.06 17.70
C LEU A 217 -14.09 -7.58 16.58
N TRP A 218 -14.07 -6.27 16.29
CA TRP A 218 -14.78 -5.74 15.12
C TRP A 218 -14.16 -6.38 13.86
N SER A 219 -12.82 -6.41 13.75
CA SER A 219 -12.10 -6.99 12.62
C SER A 219 -12.39 -8.51 12.45
N CYS A 220 -12.62 -9.23 13.56
N CYS A 220 -12.67 -9.22 13.56
CA CYS A 220 -13.00 -10.65 13.54
CA CYS A 220 -13.07 -10.63 13.54
C CYS A 220 -14.38 -10.83 12.87
C CYS A 220 -14.37 -10.78 12.80
N GLY A 221 -15.33 -9.92 13.15
CA GLY A 221 -16.65 -9.94 12.55
C GLY A 221 -16.61 -9.64 11.08
N ILE A 222 -15.73 -8.70 10.66
CA ILE A 222 -15.54 -8.39 9.25
C ILE A 222 -14.94 -9.61 8.54
N THR A 223 -13.98 -10.30 9.18
CA THR A 223 -13.33 -11.52 8.68
C THR A 223 -14.39 -12.66 8.53
N ALA A 224 -15.35 -12.74 9.44
CA ALA A 224 -16.41 -13.74 9.36
C ALA A 224 -17.33 -13.44 8.17
N ILE A 225 -17.63 -12.14 7.89
CA ILE A 225 -18.43 -11.76 6.72
C ILE A 225 -17.63 -12.10 5.43
N GLU A 226 -16.31 -11.85 5.46
CA GLU A 226 -15.37 -12.13 4.38
C GLU A 226 -15.43 -13.62 4.04
N MET A 227 -15.48 -14.50 5.06
CA MET A 227 -15.59 -15.96 4.89
C MET A 227 -16.94 -16.35 4.34
N ALA A 228 -17.99 -15.65 4.74
CA ALA A 228 -19.34 -15.97 4.31
C ALA A 228 -19.64 -15.45 2.91
N GLU A 229 -19.09 -14.29 2.54
CA GLU A 229 -19.43 -13.63 1.28
C GLU A 229 -18.33 -13.50 0.25
N GLY A 230 -17.10 -13.80 0.64
CA GLY A 230 -15.96 -13.70 -0.27
C GLY A 230 -15.23 -12.38 -0.24
N ALA A 231 -15.83 -11.39 0.40
CA ALA A 231 -15.25 -10.04 0.48
C ALA A 231 -15.81 -9.30 1.71
N PRO A 232 -15.07 -8.31 2.25
CA PRO A 232 -15.61 -7.58 3.40
C PRO A 232 -16.74 -6.65 2.99
N PRO A 233 -17.56 -6.12 3.93
CA PRO A 233 -18.57 -5.13 3.51
C PRO A 233 -17.85 -3.89 2.95
N LEU A 234 -18.52 -3.15 2.08
CA LEU A 234 -17.97 -1.95 1.45
C LEU A 234 -16.89 -2.21 0.41
N CYS A 235 -16.62 -3.51 0.07
CA CYS A 235 -15.62 -3.95 -0.94
C CYS A 235 -15.85 -3.29 -2.32
N ASP A 236 -17.12 -2.88 -2.59
CA ASP A 236 -17.57 -2.22 -3.82
C ASP A 236 -17.36 -0.68 -3.81
N MET A 237 -16.82 -0.14 -2.70
CA MET A 237 -16.52 1.27 -2.47
C MET A 237 -15.04 1.56 -2.66
N HIS A 238 -14.67 2.78 -3.10
CA HIS A 238 -13.28 3.24 -3.17
C HIS A 238 -12.75 3.25 -1.70
N PRO A 239 -11.50 2.84 -1.43
CA PRO A 239 -10.98 2.83 -0.04
C PRO A 239 -11.19 4.10 0.81
N MET A 240 -11.00 5.31 0.22
CA MET A 240 -11.19 6.58 0.91
C MET A 240 -12.67 6.78 1.26
N ARG A 241 -13.60 6.38 0.34
CA ARG A 241 -15.03 6.46 0.61
C ARG A 241 -15.43 5.48 1.76
N ALA A 242 -14.89 4.26 1.76
CA ALA A 242 -15.13 3.26 2.81
C ALA A 242 -14.62 3.80 4.17
N LEU A 243 -13.45 4.46 4.17
CA LEU A 243 -12.88 5.06 5.38
C LEU A 243 -13.81 6.14 5.99
N PHE A 244 -14.52 6.90 5.12
CA PHE A 244 -15.51 7.90 5.53
C PHE A 244 -16.80 7.22 6.08
N LEU A 245 -17.29 6.17 5.39
CA LEU A 245 -18.53 5.48 5.74
C LEU A 245 -18.51 4.64 7.01
N ILE A 246 -17.40 3.92 7.29
CA ILE A 246 -17.30 3.03 8.48
C ILE A 246 -17.78 3.70 9.79
N PRO A 247 -17.25 4.89 10.21
CA PRO A 247 -17.75 5.50 11.46
C PRO A 247 -19.19 5.99 11.40
N ARG A 248 -19.70 6.24 10.19
CA ARG A 248 -21.04 6.80 10.01
C ARG A 248 -22.15 5.77 9.77
N ASN A 249 -21.86 4.69 9.05
CA ASN A 249 -22.82 3.65 8.70
C ASN A 249 -23.25 2.81 9.88
N PRO A 250 -24.49 2.26 9.89
CA PRO A 250 -24.85 1.33 10.97
C PRO A 250 -23.97 0.07 10.84
N PRO A 251 -23.94 -0.83 11.84
CA PRO A 251 -23.13 -2.06 11.66
C PRO A 251 -23.44 -2.83 10.39
N PRO A 252 -22.40 -3.33 9.68
CA PRO A 252 -22.66 -4.18 8.51
C PRO A 252 -23.41 -5.47 8.88
N ARG A 253 -24.13 -6.03 7.90
CA ARG A 253 -24.92 -7.25 8.08
C ARG A 253 -24.65 -8.19 6.94
N LEU A 254 -24.85 -9.50 7.12
CA LEU A 254 -24.76 -10.48 6.05
C LEU A 254 -25.86 -10.18 5.02
N LYS A 255 -25.54 -10.28 3.74
CA LYS A 255 -26.47 -10.01 2.63
C LYS A 255 -27.61 -11.06 2.57
N SER A 256 -27.26 -12.34 2.76
CA SER A 256 -28.18 -13.47 2.65
C SER A 256 -28.93 -13.79 3.95
N LYS A 257 -30.19 -14.25 3.82
CA LYS A 257 -31.04 -14.66 4.94
C LYS A 257 -30.93 -16.17 5.21
N LYS A 258 -30.06 -16.86 4.45
CA LYS A 258 -29.86 -18.31 4.56
C LYS A 258 -29.18 -18.78 5.85
N TRP A 259 -28.32 -17.91 6.42
CA TRP A 259 -27.51 -18.20 7.60
C TRP A 259 -28.36 -18.45 8.82
N SER A 260 -27.82 -19.17 9.81
CA SER A 260 -28.52 -19.44 11.06
C SER A 260 -28.64 -18.16 11.91
N LYS A 261 -29.58 -18.18 12.86
CA LYS A 261 -29.83 -17.11 13.83
C LYS A 261 -28.58 -16.87 14.66
N LYS A 262 -27.86 -17.96 15.02
CA LYS A 262 -26.62 -17.94 15.80
C LYS A 262 -25.54 -17.13 15.08
N PHE A 263 -25.41 -17.32 13.76
CA PHE A 263 -24.40 -16.60 12.97
C PHE A 263 -24.68 -15.11 12.90
N PHE A 264 -25.94 -14.71 12.63
CA PHE A 264 -26.36 -13.30 12.60
C PHE A 264 -26.03 -12.65 13.94
N SER A 265 -26.32 -13.38 15.03
CA SER A 265 -26.07 -12.91 16.39
C SER A 265 -24.56 -12.78 16.65
N PHE A 266 -23.75 -13.71 16.11
CA PHE A 266 -22.30 -13.61 16.31
C PHE A 266 -21.76 -12.34 15.62
N ILE A 267 -22.24 -12.09 14.39
CA ILE A 267 -21.85 -10.93 13.58
C ILE A 267 -22.24 -9.67 14.33
N GLU A 268 -23.47 -9.64 14.87
CA GLU A 268 -23.97 -8.51 15.64
C GLU A 268 -23.06 -8.22 16.85
N GLY A 269 -22.59 -9.26 17.55
CA GLY A 269 -21.71 -9.11 18.72
C GLY A 269 -20.38 -8.52 18.32
N CYS A 270 -19.77 -9.09 17.27
CA CYS A 270 -18.52 -8.51 16.80
C CYS A 270 -18.68 -7.05 16.37
N LEU A 271 -19.74 -6.77 15.65
CA LEU A 271 -19.94 -5.46 15.03
C LEU A 271 -20.77 -4.46 15.82
N VAL A 272 -20.59 -4.47 17.15
CA VAL A 272 -21.25 -3.45 17.97
C VAL A 272 -20.55 -2.15 17.58
N LYS A 273 -21.35 -1.16 17.11
CA LYS A 273 -20.84 0.10 16.58
C LYS A 273 -19.95 0.84 17.56
N ASN A 274 -20.47 1.06 18.78
CA ASN A 274 -19.73 1.73 19.83
C ASN A 274 -18.93 0.67 20.57
N TYR A 275 -17.58 0.76 20.51
CA TYR A 275 -16.69 -0.20 21.16
C TYR A 275 -16.93 -0.38 22.64
N MET A 276 -17.47 0.65 23.32
CA MET A 276 -17.76 0.62 24.76
C MET A 276 -18.78 -0.46 25.13
N GLN A 277 -19.73 -0.82 24.22
CA GLN A 277 -20.70 -1.90 24.52
C GLN A 277 -20.35 -3.18 23.75
N ARG A 278 -19.20 -3.18 23.04
CA ARG A 278 -18.82 -4.36 22.28
C ARG A 278 -18.36 -5.46 23.24
N PRO A 279 -18.79 -6.71 23.06
CA PRO A 279 -18.33 -7.76 23.98
C PRO A 279 -16.81 -8.00 23.93
N SER A 280 -16.24 -8.55 25.04
CA SER A 280 -14.81 -8.85 25.10
C SER A 280 -14.57 -10.17 24.38
N THR A 281 -13.30 -10.55 24.22
CA THR A 281 -12.91 -11.80 23.55
C THR A 281 -13.49 -13.01 24.31
N GLU A 282 -13.42 -12.98 25.65
CA GLU A 282 -13.96 -14.04 26.51
C GLU A 282 -15.47 -14.16 26.35
N GLN A 283 -16.19 -13.03 26.18
CA GLN A 283 -17.63 -13.10 25.96
C GLN A 283 -17.95 -13.70 24.62
N LEU A 284 -17.19 -13.30 23.58
CA LEU A 284 -17.45 -13.86 22.23
C LEU A 284 -17.11 -15.34 22.15
N LEU A 285 -16.13 -15.81 22.93
CA LEU A 285 -15.78 -17.23 22.98
C LEU A 285 -16.90 -18.08 23.57
N LYS A 286 -17.80 -17.45 24.34
CA LYS A 286 -18.98 -18.07 24.95
C LYS A 286 -20.23 -17.87 24.11
N HIS A 287 -20.15 -17.13 23.00
CA HIS A 287 -21.31 -16.98 22.11
C HIS A 287 -21.70 -18.37 21.54
N PRO A 288 -23.00 -18.74 21.50
CA PRO A 288 -23.38 -20.08 20.98
C PRO A 288 -22.83 -20.47 19.59
N PHE A 289 -22.63 -19.49 18.70
CA PHE A 289 -22.06 -19.76 17.37
C PHE A 289 -20.63 -20.30 17.46
N ILE A 290 -19.88 -19.82 18.46
CA ILE A 290 -18.49 -20.21 18.69
C ILE A 290 -18.38 -21.41 19.67
N ARG A 291 -19.15 -21.33 20.74
CA ARG A 291 -19.16 -22.28 21.85
C ARG A 291 -19.66 -23.66 21.45
N ASP A 292 -20.74 -23.70 20.65
CA ASP A 292 -21.42 -24.93 20.28
C ASP A 292 -21.10 -25.36 18.88
N GLN A 293 -20.09 -26.23 18.77
CA GLN A 293 -19.63 -26.76 17.50
C GLN A 293 -19.65 -28.30 17.55
N PRO A 294 -20.83 -28.91 17.28
CA PRO A 294 -20.93 -30.37 17.36
C PRO A 294 -20.18 -31.12 16.26
N ASN A 295 -20.05 -30.52 15.06
CA ASN A 295 -19.37 -31.12 13.91
C ASN A 295 -17.88 -30.77 13.77
N GLU A 296 -17.26 -30.29 14.88
CA GLU A 296 -15.87 -29.86 14.99
C GLU A 296 -14.84 -30.81 14.35
N ARG A 297 -14.94 -32.12 14.70
CA ARG A 297 -14.08 -33.23 14.25
C ARG A 297 -14.12 -33.34 12.74
N GLN A 298 -15.33 -33.39 12.17
CA GLN A 298 -15.57 -33.48 10.74
C GLN A 298 -15.16 -32.22 10.02
N VAL A 299 -15.29 -31.04 10.68
CA VAL A 299 -14.90 -29.76 10.07
C VAL A 299 -13.40 -29.75 9.80
N ARG A 300 -12.59 -30.14 10.79
CA ARG A 300 -11.14 -30.22 10.67
C ARG A 300 -10.74 -31.18 9.52
N ILE A 301 -11.48 -32.32 9.37
CA ILE A 301 -11.30 -33.31 8.30
C ILE A 301 -11.67 -32.68 6.97
N GLN A 302 -12.83 -31.98 6.89
CA GLN A 302 -13.27 -31.32 5.66
C GLN A 302 -12.27 -30.28 5.19
N LEU A 303 -11.74 -29.48 6.14
CA LEU A 303 -10.76 -28.43 5.90
C LEU A 303 -9.45 -29.01 5.41
N LYS A 304 -8.95 -30.09 6.06
CA LYS A 304 -7.74 -30.80 5.66
C LYS A 304 -7.88 -31.32 4.20
N ASP A 305 -9.05 -31.90 3.87
CA ASP A 305 -9.32 -32.42 2.53
C ASP A 305 -9.49 -31.31 1.50
N HIS A 306 -10.16 -30.20 1.89
CA HIS A 306 -10.34 -29.04 1.01
C HIS A 306 -8.99 -28.42 0.67
N ILE A 307 -8.06 -28.29 1.68
CA ILE A 307 -6.70 -27.78 1.48
C ILE A 307 -6.01 -28.60 0.38
N ASP A 308 -6.07 -29.96 0.46
CA ASP A 308 -5.47 -30.84 -0.54
C ASP A 308 -6.08 -30.63 -1.95
N ARG A 309 -7.41 -30.70 -2.07
CA ARG A 309 -8.16 -30.57 -3.34
C ARG A 309 -7.96 -29.24 -4.08
N THR A 310 -7.68 -28.15 -3.34
CA THR A 310 -7.52 -26.81 -3.91
C THR A 310 -6.09 -26.25 -3.91
N ARG A 311 -5.10 -27.09 -3.55
CA ARG A 311 -3.69 -26.74 -3.50
C ARG A 311 -3.15 -26.52 -4.92
N ASP B 13 6.22 -2.01 -32.07
CA ASP B 13 4.83 -1.67 -32.34
C ASP B 13 4.15 -1.16 -31.06
N ILE B 14 3.88 0.16 -31.00
CA ILE B 14 3.23 0.77 -29.85
C ILE B 14 1.74 0.99 -30.10
N ASP B 15 0.90 0.43 -29.20
CA ASP B 15 -0.55 0.54 -29.22
C ASP B 15 -1.08 0.66 -27.78
N LEU B 16 -1.55 1.87 -27.43
CA LEU B 16 -2.07 2.18 -26.09
C LEU B 16 -3.51 1.72 -25.89
N SER B 17 -4.30 1.67 -26.98
CA SER B 17 -5.70 1.23 -26.98
C SER B 17 -5.91 -0.31 -26.88
N SER B 18 -4.82 -1.11 -26.77
CA SER B 18 -4.94 -2.57 -26.69
C SER B 18 -4.07 -3.24 -25.60
N LEU B 19 -4.42 -4.49 -25.21
CA LEU B 19 -3.75 -5.30 -24.19
C LEU B 19 -3.19 -6.62 -24.78
N ARG B 20 -1.95 -6.54 -25.30
CA ARG B 20 -1.21 -7.61 -25.99
C ARG B 20 -0.19 -8.33 -25.11
N ASP B 21 0.33 -9.46 -25.63
CA ASP B 21 1.39 -10.22 -24.96
C ASP B 21 2.69 -9.44 -25.18
N PRO B 22 3.62 -9.29 -24.19
CA PRO B 22 4.81 -8.50 -24.49
C PRO B 22 5.86 -9.21 -25.35
N ALA B 23 5.72 -10.54 -25.55
CA ALA B 23 6.66 -11.35 -26.34
C ALA B 23 6.92 -10.75 -27.73
N GLY B 24 8.19 -10.42 -27.96
CA GLY B 24 8.63 -9.82 -29.22
C GLY B 24 8.54 -8.30 -29.26
N ILE B 25 8.02 -7.68 -28.17
CA ILE B 25 7.88 -6.22 -28.08
C ILE B 25 8.79 -5.68 -26.98
N PHE B 26 8.60 -6.17 -25.75
CA PHE B 26 9.45 -5.79 -24.61
C PHE B 26 9.93 -7.03 -23.89
N GLU B 27 11.15 -6.98 -23.36
CA GLU B 27 11.73 -8.07 -22.58
C GLU B 27 12.43 -7.52 -21.35
N LEU B 28 12.41 -8.26 -20.25
CA LEU B 28 13.07 -7.86 -19.02
C LEU B 28 14.55 -8.17 -19.12
N VAL B 29 15.41 -7.25 -18.67
CA VAL B 29 16.84 -7.53 -18.71
C VAL B 29 17.35 -8.10 -17.38
N GLU B 30 16.71 -7.69 -16.26
CA GLU B 30 17.03 -8.19 -14.93
C GLU B 30 15.98 -9.20 -14.43
N VAL B 31 16.40 -10.11 -13.52
CA VAL B 31 15.54 -11.15 -12.93
C VAL B 31 14.43 -10.56 -12.04
N VAL B 32 13.31 -11.29 -11.92
CA VAL B 32 12.17 -10.87 -11.10
C VAL B 32 12.01 -11.84 -9.91
N GLY B 33 12.12 -11.28 -8.71
CA GLY B 33 12.00 -12.01 -7.44
C GLY B 33 10.64 -11.86 -6.78
N ASN B 34 10.09 -10.62 -6.81
CA ASN B 34 8.79 -10.26 -6.23
C ASN B 34 7.63 -10.77 -7.08
N GLY B 38 4.19 -4.56 -7.42
CA GLY B 38 4.37 -3.46 -8.35
C GLY B 38 5.80 -2.94 -8.48
N GLN B 39 6.79 -3.84 -8.43
CA GLN B 39 8.20 -3.45 -8.55
C GLN B 39 8.56 -3.12 -10.00
N VAL B 40 9.51 -2.18 -10.18
CA VAL B 40 9.99 -1.68 -11.47
C VAL B 40 11.33 -2.33 -11.81
N TYR B 41 11.42 -2.92 -13.02
CA TYR B 41 12.60 -3.63 -13.50
C TYR B 41 13.12 -3.03 -14.79
N LYS B 42 14.43 -3.20 -15.06
CA LYS B 42 15.06 -2.75 -16.28
C LYS B 42 14.57 -3.65 -17.41
N GLY B 43 14.25 -3.04 -18.55
CA GLY B 43 13.74 -3.76 -19.70
C GLY B 43 14.26 -3.22 -21.01
N ARG B 44 13.87 -3.84 -22.11
CA ARG B 44 14.29 -3.36 -23.43
C ARG B 44 13.26 -3.59 -24.47
N HIS B 45 13.22 -2.68 -25.44
CA HIS B 45 12.34 -2.84 -26.59
C HIS B 45 13.12 -3.83 -27.48
N VAL B 46 12.49 -4.96 -27.76
CA VAL B 46 13.04 -6.05 -28.58
C VAL B 46 13.61 -5.56 -29.92
N LYS B 47 12.76 -4.93 -30.75
CA LYS B 47 13.15 -4.47 -32.08
C LYS B 47 14.16 -3.32 -32.14
N THR B 48 14.22 -2.48 -31.09
CA THR B 48 15.13 -1.32 -31.10
C THR B 48 16.30 -1.37 -30.11
N GLY B 49 16.20 -2.22 -29.08
CA GLY B 49 17.23 -2.28 -28.05
C GLY B 49 17.16 -1.14 -27.04
N GLN B 50 16.24 -0.18 -27.28
CA GLN B 50 16.01 0.96 -26.36
C GLN B 50 15.63 0.40 -24.98
N LEU B 51 16.24 0.94 -23.94
CA LEU B 51 15.94 0.55 -22.55
C LEU B 51 14.57 1.06 -22.10
N ALA B 52 13.94 0.33 -21.21
CA ALA B 52 12.61 0.65 -20.69
C ALA B 52 12.55 0.31 -19.21
N ALA B 53 11.64 0.98 -18.47
CA ALA B 53 11.36 0.67 -17.06
C ALA B 53 10.05 -0.11 -17.14
N ILE B 54 9.99 -1.28 -16.52
CA ILE B 54 8.81 -2.12 -16.58
C ILE B 54 8.29 -2.42 -15.18
N LYS B 55 7.07 -1.93 -14.90
CA LYS B 55 6.37 -2.16 -13.64
C LYS B 55 5.61 -3.47 -13.84
N VAL B 56 5.98 -4.49 -13.03
CA VAL B 56 5.39 -5.82 -13.14
C VAL B 56 4.45 -6.07 -11.97
N MET B 57 3.16 -6.38 -12.26
CA MET B 57 2.14 -6.65 -11.22
C MET B 57 1.36 -7.92 -11.54
N ASP B 58 1.20 -8.80 -10.53
CA ASP B 58 0.43 -10.04 -10.65
C ASP B 58 -1.06 -9.70 -10.68
N VAL B 59 -1.78 -10.21 -11.69
CA VAL B 59 -3.20 -9.91 -11.89
C VAL B 59 -4.05 -11.18 -12.05
N THR B 60 -5.34 -11.10 -11.70
CA THR B 60 -6.29 -12.20 -11.85
C THR B 60 -7.01 -12.05 -13.19
N GLU B 61 -7.71 -13.12 -13.65
CA GLU B 61 -8.50 -13.08 -14.88
C GLU B 61 -9.59 -12.02 -14.81
N ASP B 62 -10.15 -11.80 -13.60
CA ASP B 62 -11.15 -10.77 -13.33
C ASP B 62 -10.50 -9.38 -13.39
N GLU B 63 -9.22 -9.28 -13.00
CA GLU B 63 -8.49 -8.01 -13.08
C GLU B 63 -8.13 -7.66 -14.51
N GLU B 64 -7.90 -8.68 -15.37
CA GLU B 64 -7.60 -8.52 -16.80
C GLU B 64 -8.76 -7.86 -17.56
N GLU B 65 -10.00 -8.20 -17.18
CA GLU B 65 -11.22 -7.64 -17.79
C GLU B 65 -11.40 -6.19 -17.38
N GLU B 66 -11.03 -5.86 -16.12
CA GLU B 66 -11.06 -4.52 -15.53
C GLU B 66 -10.08 -3.59 -16.29
N ILE B 67 -8.91 -4.14 -16.67
CA ILE B 67 -7.85 -3.47 -17.43
C ILE B 67 -8.39 -3.12 -18.82
N LYS B 68 -9.01 -4.10 -19.53
CA LYS B 68 -9.62 -3.90 -20.85
C LYS B 68 -10.57 -2.70 -20.85
N LEU B 69 -11.40 -2.56 -19.79
CA LEU B 69 -12.31 -1.43 -19.63
C LEU B 69 -11.56 -0.10 -19.45
N GLU B 70 -10.64 -0.04 -18.46
CA GLU B 70 -9.86 1.16 -18.13
C GLU B 70 -9.05 1.69 -19.29
N ILE B 71 -8.58 0.80 -20.18
CA ILE B 71 -7.88 1.15 -21.41
C ILE B 71 -8.81 1.99 -22.31
N ASN B 72 -10.14 1.69 -22.32
CA ASN B 72 -11.12 2.48 -23.11
C ASN B 72 -11.27 3.88 -22.50
N MET B 73 -10.94 4.03 -21.20
CA MET B 73 -11.02 5.32 -20.48
C MET B 73 -9.78 6.18 -20.70
N LEU B 74 -8.70 5.60 -21.25
CA LEU B 74 -7.44 6.30 -21.54
C LEU B 74 -7.70 7.51 -22.42
N LYS B 75 -7.03 8.62 -22.10
CA LYS B 75 -7.10 9.85 -22.86
C LYS B 75 -5.77 9.98 -23.57
N LYS B 76 -5.81 10.27 -24.87
CA LYS B 76 -4.61 10.41 -25.70
C LYS B 76 -3.90 11.70 -25.43
N TYR B 77 -2.58 11.61 -25.38
CA TYR B 77 -1.65 12.71 -25.21
C TYR B 77 -0.35 12.26 -25.81
N SER B 78 0.32 13.20 -26.47
CA SER B 78 1.59 12.94 -27.15
C SER B 78 2.75 12.84 -26.14
N HIS B 79 3.92 12.45 -26.65
CA HIS B 79 5.18 12.39 -25.92
C HIS B 79 5.51 13.84 -25.49
N HIS B 80 6.15 14.02 -24.33
CA HIS B 80 6.51 15.34 -23.85
C HIS B 80 7.83 15.21 -23.14
N ARG B 81 8.70 16.22 -23.31
CA ARG B 81 10.03 16.21 -22.70
C ARG B 81 10.03 16.13 -21.17
N ASN B 82 8.89 16.44 -20.53
CA ASN B 82 8.83 16.41 -19.07
C ASN B 82 8.01 15.26 -18.55
N ILE B 83 7.70 14.28 -19.43
CA ILE B 83 6.97 13.07 -19.08
C ILE B 83 7.75 11.86 -19.55
N ALA B 84 8.05 10.93 -18.61
CA ALA B 84 8.73 9.66 -18.92
C ALA B 84 7.67 8.88 -19.68
N THR B 85 7.79 8.85 -21.03
CA THR B 85 6.80 8.25 -21.94
C THR B 85 6.22 6.89 -21.51
N TYR B 86 4.88 6.79 -21.48
CA TYR B 86 4.18 5.54 -21.20
C TYR B 86 4.09 4.78 -22.52
N TYR B 87 4.70 3.58 -22.60
CA TYR B 87 4.72 2.77 -23.83
C TYR B 87 3.58 1.76 -23.96
N GLY B 88 2.81 1.57 -22.90
CA GLY B 88 1.67 0.67 -22.99
C GLY B 88 1.60 -0.39 -21.93
N ALA B 89 0.45 -1.08 -21.89
CA ALA B 89 0.17 -2.15 -20.97
C ALA B 89 0.24 -3.46 -21.72
N PHE B 90 0.76 -4.48 -21.05
CA PHE B 90 0.91 -5.81 -21.62
C PHE B 90 0.55 -6.86 -20.58
N ILE B 91 0.10 -8.03 -21.06
CA ILE B 91 -0.21 -9.17 -20.20
C ILE B 91 0.66 -10.37 -20.56
N LYS B 92 1.59 -10.75 -19.65
CA LYS B 92 2.44 -11.93 -19.84
C LYS B 92 1.71 -13.10 -19.20
N LYS B 93 1.25 -14.05 -20.04
CA LYS B 93 0.45 -15.19 -19.61
C LYS B 93 1.15 -16.24 -18.74
N SER B 94 0.37 -16.87 -17.85
CA SER B 94 0.79 -17.92 -16.91
C SER B 94 -0.15 -19.16 -17.01
N PRO B 95 0.22 -20.37 -16.47
CA PRO B 95 -0.69 -21.54 -16.55
C PRO B 95 -2.13 -21.30 -16.05
N PRO B 96 -3.16 -22.00 -16.61
CA PRO B 96 -4.56 -21.75 -16.18
C PRO B 96 -4.86 -21.58 -14.69
N GLY B 97 -4.12 -22.30 -13.82
CA GLY B 97 -4.26 -22.21 -12.37
C GLY B 97 -3.18 -21.36 -11.73
N HIS B 98 -2.79 -20.26 -12.40
CA HIS B 98 -1.75 -19.31 -11.98
C HIS B 98 -2.13 -17.88 -12.38
N ASP B 99 -1.65 -16.89 -11.59
CA ASP B 99 -1.90 -15.47 -11.84
C ASP B 99 -0.98 -14.90 -12.91
N ASP B 100 -1.58 -14.21 -13.89
CA ASP B 100 -0.88 -13.57 -15.02
C ASP B 100 -0.15 -12.30 -14.56
N GLN B 101 0.79 -11.81 -15.37
CA GLN B 101 1.57 -10.62 -15.05
C GLN B 101 1.16 -9.42 -15.93
N LEU B 102 0.88 -8.26 -15.30
CA LEU B 102 0.58 -7.03 -16.01
C LEU B 102 1.90 -6.25 -16.07
N TRP B 103 2.25 -5.78 -17.26
CA TRP B 103 3.47 -5.02 -17.50
C TRP B 103 3.06 -3.62 -17.89
N LEU B 104 3.51 -2.62 -17.15
CA LEU B 104 3.29 -1.22 -17.46
C LEU B 104 4.65 -0.70 -17.86
N VAL B 105 4.80 -0.33 -19.14
CA VAL B 105 6.05 0.02 -19.77
C VAL B 105 6.23 1.53 -19.97
N MET B 106 7.43 2.01 -19.62
CA MET B 106 7.80 3.42 -19.62
C MET B 106 9.28 3.62 -20.01
N GLU B 107 9.62 4.83 -20.51
CA GLU B 107 10.96 5.31 -20.82
C GLU B 107 11.86 5.14 -19.59
N PHE B 108 13.11 4.71 -19.81
CA PHE B 108 14.09 4.50 -18.78
C PHE B 108 14.79 5.80 -18.45
N CYS B 109 14.68 6.23 -17.17
CA CYS B 109 15.30 7.44 -16.65
C CYS B 109 16.32 6.94 -15.66
N GLY B 110 17.59 7.12 -16.02
CA GLY B 110 18.70 6.54 -15.27
C GLY B 110 19.32 7.24 -14.08
N ALA B 111 18.97 8.53 -13.80
CA ALA B 111 19.61 9.25 -12.69
C ALA B 111 18.80 9.32 -11.37
N GLY B 112 17.83 8.42 -11.22
CA GLY B 112 17.01 8.31 -10.03
C GLY B 112 15.96 9.40 -9.88
N SER B 113 15.31 9.43 -8.72
CA SER B 113 14.23 10.37 -8.40
C SER B 113 14.73 11.67 -7.75
N ILE B 114 13.81 12.65 -7.63
CA ILE B 114 14.09 13.91 -6.94
C ILE B 114 14.29 13.62 -5.44
N THR B 115 13.55 12.65 -4.87
CA THR B 115 13.74 12.24 -3.47
C THR B 115 15.19 11.73 -3.25
N ASP B 116 15.72 10.90 -4.18
CA ASP B 116 17.12 10.41 -4.17
C ASP B 116 18.09 11.60 -4.21
N LEU B 117 17.80 12.60 -5.07
CA LEU B 117 18.60 13.81 -5.23
C LEU B 117 18.69 14.58 -3.91
N VAL B 118 17.55 14.77 -3.20
CA VAL B 118 17.54 15.49 -1.91
C VAL B 118 18.33 14.70 -0.85
N LYS B 119 18.15 13.37 -0.79
CA LYS B 119 18.86 12.54 0.19
C LYS B 119 20.36 12.41 -0.07
N ASN B 120 20.79 12.52 -1.33
CA ASN B 120 22.22 12.50 -1.69
C ASN B 120 22.84 13.90 -1.64
N THR B 121 22.11 14.88 -1.12
CA THR B 121 22.58 16.26 -0.95
C THR B 121 22.91 16.49 0.53
N LYS B 122 24.00 17.24 0.77
CA LYS B 122 24.45 17.62 2.10
C LYS B 122 23.37 18.52 2.73
N GLY B 123 22.87 18.09 3.88
CA GLY B 123 21.84 18.80 4.62
C GLY B 123 20.41 18.49 4.20
N ASN B 124 20.23 17.54 3.25
CA ASN B 124 18.91 17.14 2.71
C ASN B 124 18.03 18.35 2.36
N THR B 125 18.62 19.26 1.59
CA THR B 125 18.00 20.49 1.14
C THR B 125 18.60 20.90 -0.20
N LEU B 126 17.75 21.33 -1.14
CA LEU B 126 18.21 21.79 -2.44
C LEU B 126 18.22 23.30 -2.44
N LYS B 127 19.15 23.89 -3.21
CA LYS B 127 19.28 25.34 -3.40
C LYS B 127 17.97 25.84 -4.01
N GLU B 128 17.53 27.06 -3.65
CA GLU B 128 16.31 27.64 -4.18
C GLU B 128 16.23 27.71 -5.70
N ASP B 129 17.37 27.97 -6.39
CA ASP B 129 17.33 27.98 -7.85
C ASP B 129 17.15 26.59 -8.45
N TRP B 130 17.57 25.54 -7.72
CA TRP B 130 17.34 24.16 -8.15
C TRP B 130 15.83 23.85 -7.99
N ILE B 131 15.22 24.28 -6.87
CA ILE B 131 13.78 24.04 -6.61
C ILE B 131 12.92 24.73 -7.69
N ALA B 132 13.28 26.00 -8.05
CA ALA B 132 12.56 26.74 -9.10
C ALA B 132 12.65 26.00 -10.43
N TYR B 133 13.85 25.50 -10.78
CA TYR B 133 14.08 24.78 -12.04
C TYR B 133 13.27 23.48 -12.08
N ILE B 134 13.40 22.64 -11.04
CA ILE B 134 12.68 21.36 -10.97
C ILE B 134 11.18 21.60 -10.91
N SER B 135 10.72 22.57 -10.08
CA SER B 135 9.27 22.86 -9.99
C SER B 135 8.69 23.30 -11.34
N ARG B 136 9.42 24.17 -12.10
CA ARG B 136 8.94 24.56 -13.45
C ARG B 136 8.82 23.34 -14.39
N GLU B 137 9.83 22.44 -14.39
CA GLU B 137 9.77 21.23 -15.24
C GLU B 137 8.58 20.32 -14.88
N ILE B 138 8.28 20.19 -13.58
CA ILE B 138 7.12 19.43 -13.08
C ILE B 138 5.85 20.08 -13.61
N LEU B 139 5.73 21.43 -13.45
CA LEU B 139 4.57 22.19 -13.91
C LEU B 139 4.37 22.10 -15.43
N ARG B 140 5.47 22.05 -16.22
CA ARG B 140 5.40 21.92 -17.69
C ARG B 140 4.84 20.55 -18.05
N GLY B 141 5.29 19.51 -17.34
CA GLY B 141 4.79 18.16 -17.53
C GLY B 141 3.31 18.10 -17.21
N LEU B 142 2.94 18.71 -16.06
CA LEU B 142 1.54 18.75 -15.63
C LEU B 142 0.69 19.55 -16.60
N ALA B 143 1.20 20.67 -17.14
CA ALA B 143 0.44 21.50 -18.10
C ALA B 143 0.06 20.65 -19.34
N HIS B 144 0.99 19.82 -19.83
CA HIS B 144 0.76 18.90 -20.95
C HIS B 144 -0.34 17.88 -20.60
N LEU B 145 -0.30 17.28 -19.39
CA LEU B 145 -1.34 16.34 -19.01
C LEU B 145 -2.68 17.04 -18.83
N HIS B 146 -2.68 18.20 -18.14
CA HIS B 146 -3.90 18.96 -17.87
C HIS B 146 -4.60 19.45 -19.14
N ILE B 147 -3.84 19.99 -20.13
CA ILE B 147 -4.43 20.44 -21.38
C ILE B 147 -5.12 19.29 -22.14
N HIS B 148 -4.63 18.04 -21.94
CA HIS B 148 -5.19 16.80 -22.51
C HIS B 148 -6.19 16.10 -21.59
N HIS B 149 -6.70 16.81 -20.55
CA HIS B 149 -7.72 16.34 -19.60
C HIS B 149 -7.31 15.12 -18.77
N VAL B 150 -6.01 15.06 -18.40
CA VAL B 150 -5.43 13.98 -17.62
C VAL B 150 -4.98 14.53 -16.27
N ILE B 151 -5.26 13.82 -15.18
CA ILE B 151 -4.79 14.16 -13.84
C ILE B 151 -3.68 13.17 -13.50
N HIS B 152 -2.55 13.67 -13.01
CA HIS B 152 -1.44 12.78 -12.65
C HIS B 152 -1.78 11.95 -11.42
N ARG B 153 -2.31 12.63 -10.35
CA ARG B 153 -2.78 12.03 -9.08
C ARG B 153 -1.69 11.58 -8.13
N ASP B 154 -0.41 11.54 -8.55
CA ASP B 154 0.63 11.09 -7.63
C ASP B 154 1.94 11.85 -7.75
N ILE B 155 1.86 13.19 -7.69
CA ILE B 155 3.01 14.04 -7.72
C ILE B 155 3.69 14.01 -6.36
N LYS B 156 4.99 13.65 -6.36
CA LYS B 156 5.82 13.58 -5.16
C LYS B 156 7.25 13.42 -5.67
N GLY B 157 8.24 13.67 -4.83
CA GLY B 157 9.65 13.58 -5.19
C GLY B 157 10.06 12.24 -5.78
N GLN B 158 9.41 11.17 -5.34
CA GLN B 158 9.65 9.82 -5.81
C GLN B 158 9.14 9.61 -7.24
N ASN B 159 8.16 10.39 -7.67
CA ASN B 159 7.57 10.23 -9.00
C ASN B 159 8.04 11.25 -10.01
N VAL B 160 9.11 11.94 -9.68
CA VAL B 160 9.75 12.93 -10.54
C VAL B 160 11.17 12.40 -10.73
N LEU B 161 11.51 12.01 -11.94
CA LEU B 161 12.78 11.39 -12.25
C LEU B 161 13.74 12.24 -13.02
N LEU B 162 15.03 11.90 -12.91
CA LEU B 162 16.12 12.57 -13.63
C LEU B 162 16.72 11.60 -14.64
N THR B 163 17.09 12.11 -15.83
CA THR B 163 17.78 11.28 -16.83
C THR B 163 19.26 11.60 -16.65
N GLU B 164 20.13 10.85 -17.36
CA GLU B 164 21.58 11.07 -17.36
C GLU B 164 21.95 12.45 -17.92
N ASN B 165 21.00 13.14 -18.59
CA ASN B 165 21.20 14.48 -19.15
C ASN B 165 20.52 15.64 -18.38
N ALA B 166 20.24 15.46 -17.05
CA ALA B 166 19.55 16.39 -16.11
C ALA B 166 18.16 16.89 -16.55
N GLU B 167 17.49 16.04 -17.34
CA GLU B 167 16.13 16.29 -17.82
C GLU B 167 15.21 15.80 -16.70
N VAL B 168 14.18 16.59 -16.38
CA VAL B 168 13.21 16.29 -15.32
C VAL B 168 11.97 15.70 -15.96
N LYS B 169 11.58 14.48 -15.57
CA LYS B 169 10.43 13.80 -16.17
C LYS B 169 9.51 13.23 -15.12
N LEU B 170 8.20 13.37 -15.37
CA LEU B 170 7.19 12.79 -14.49
C LEU B 170 7.02 11.32 -14.80
N VAL B 171 6.93 10.48 -13.74
CA VAL B 171 6.68 9.04 -13.89
C VAL B 171 5.30 8.91 -14.51
N ASP B 172 5.20 8.10 -15.59
CA ASP B 172 3.94 7.81 -16.24
C ASP B 172 3.80 6.30 -16.63
N PHE B 173 3.11 5.53 -15.79
CA PHE B 173 2.81 4.12 -16.08
C PHE B 173 1.36 3.97 -16.52
N GLY B 174 0.84 4.99 -17.19
CA GLY B 174 -0.52 5.05 -17.68
C GLY B 174 -1.41 5.87 -16.77
N VAL B 175 -1.02 7.14 -16.51
CA VAL B 175 -1.75 8.05 -15.62
C VAL B 175 -3.22 8.32 -15.96
N SER B 176 -3.61 8.43 -17.24
CA SER B 176 -5.02 8.74 -17.55
C SER B 176 -6.03 7.67 -17.13
N ALA B 177 -5.57 6.41 -17.04
CA ALA B 177 -6.40 5.26 -16.67
C ALA B 177 -6.05 4.77 -15.27
N GLN B 178 -4.95 5.30 -14.68
CA GLN B 178 -4.45 4.98 -13.33
C GLN B 178 -4.30 3.47 -13.14
N LEU B 179 -3.84 2.79 -14.19
CA LEU B 179 -3.69 1.34 -14.20
C LEU B 179 -2.82 0.72 -13.11
N ASP B 180 -1.81 1.48 -12.62
CA ASP B 180 -0.94 1.00 -11.54
C ASP B 180 -1.55 1.21 -10.15
N ARG B 181 -2.78 1.73 -10.07
CA ARG B 181 -3.41 2.01 -8.77
C ARG B 181 -4.76 1.29 -8.58
N THR B 182 -5.36 0.80 -9.67
CA THR B 182 -6.68 0.17 -9.69
C THR B 182 -6.68 -1.36 -9.59
N VAL B 183 -5.64 -2.02 -10.09
CA VAL B 183 -5.52 -3.49 -10.02
C VAL B 183 -4.33 -3.89 -9.15
N GLY B 184 -4.22 -5.17 -8.81
CA GLY B 184 -3.14 -5.70 -7.99
C GLY B 184 -3.52 -5.79 -6.53
N ARG B 185 -2.77 -6.57 -5.74
CA ARG B 185 -3.05 -6.78 -4.30
C ARG B 185 -2.89 -5.56 -3.35
N ARG B 186 -2.52 -4.38 -3.88
CA ARG B 186 -2.33 -3.16 -3.10
C ARG B 186 -3.28 -2.01 -3.55
N ASN B 187 -4.20 -2.32 -4.51
CA ASN B 187 -5.18 -1.35 -5.03
C ASN B 187 -6.21 -0.93 -3.99
N THR B 188 -6.45 -1.75 -2.97
CA THR B 188 -7.40 -1.50 -1.88
C THR B 188 -6.76 -0.63 -0.74
N PHE B 189 -5.46 -0.38 -0.83
CA PHE B 189 -4.75 0.39 0.19
C PHE B 189 -5.00 1.90 0.02
N ILE B 190 -5.12 2.62 1.13
CA ILE B 190 -5.26 4.09 1.11
C ILE B 190 -3.97 4.80 0.57
N GLY B 191 -2.79 4.28 0.93
CA GLY B 191 -1.50 4.79 0.47
C GLY B 191 -0.92 5.81 1.43
N THR B 192 0.22 6.42 1.06
CA THR B 192 0.84 7.46 1.88
C THR B 192 0.05 8.75 1.74
N PRO B 193 -0.29 9.45 2.84
CA PRO B 193 -1.16 10.62 2.71
C PRO B 193 -0.48 11.98 2.56
N TYR B 194 0.84 12.04 2.78
CA TYR B 194 1.57 13.31 2.88
C TYR B 194 1.51 14.30 1.74
N TRP B 195 1.29 13.84 0.49
CA TRP B 195 1.21 14.71 -0.71
C TRP B 195 -0.22 14.96 -1.18
N MET B 196 -1.19 14.31 -0.49
CA MET B 196 -2.60 14.41 -0.83
C MET B 196 -3.17 15.77 -0.52
N ALA B 197 -3.90 16.32 -1.50
CA ALA B 197 -4.61 17.61 -1.40
C ALA B 197 -5.84 17.41 -0.48
N PRO B 198 -6.27 18.45 0.26
CA PRO B 198 -7.46 18.28 1.13
C PRO B 198 -8.69 17.66 0.45
N GLU B 199 -9.00 18.06 -0.81
CA GLU B 199 -10.19 17.56 -1.52
C GLU B 199 -10.17 16.06 -1.82
N VAL B 200 -9.00 15.43 -1.81
CA VAL B 200 -8.89 14.00 -2.11
C VAL B 200 -9.16 13.11 -0.84
N ILE B 201 -9.20 13.74 0.33
CA ILE B 201 -9.42 13.07 1.61
C ILE B 201 -10.87 13.24 2.03
N ALA B 202 -11.61 12.14 2.12
CA ALA B 202 -13.02 12.22 2.53
C ALA B 202 -13.14 12.61 4.02
N CYS B 203 -14.00 13.57 4.32
CA CYS B 203 -14.22 14.05 5.68
C CYS B 203 -15.64 14.54 5.85
N ASP B 204 -15.96 14.94 7.09
CA ASP B 204 -17.26 15.42 7.55
C ASP B 204 -17.86 16.46 6.61
N GLU B 205 -16.99 17.31 6.02
CA GLU B 205 -17.41 18.36 5.08
C GLU B 205 -17.19 18.02 3.58
N ASN B 206 -16.42 16.95 3.29
CA ASN B 206 -16.10 16.50 1.92
C ASN B 206 -16.45 15.00 1.82
N PRO B 207 -17.76 14.61 1.83
CA PRO B 207 -18.11 13.17 1.83
C PRO B 207 -17.67 12.40 0.59
N ASP B 208 -17.66 13.07 -0.56
CA ASP B 208 -17.23 12.46 -1.81
C ASP B 208 -15.91 13.11 -2.25
N ALA B 209 -14.80 12.39 -2.01
CA ALA B 209 -13.43 12.80 -2.31
C ALA B 209 -13.22 13.15 -3.80
N THR B 210 -12.91 14.42 -4.05
CA THR B 210 -12.72 15.03 -5.37
C THR B 210 -11.27 14.94 -5.87
N TYR B 211 -11.09 14.54 -7.13
CA TYR B 211 -9.82 14.59 -7.85
C TYR B 211 -10.07 15.55 -9.01
N ASP B 212 -9.37 16.66 -8.98
CA ASP B 212 -9.46 17.72 -9.95
C ASP B 212 -8.02 17.92 -10.37
N TYR B 213 -7.80 18.52 -11.54
CA TYR B 213 -6.44 18.79 -12.02
C TYR B 213 -5.64 19.65 -11.01
N ARG B 214 -6.32 20.55 -10.26
CA ARG B 214 -5.66 21.40 -9.26
C ARG B 214 -5.11 20.58 -8.06
N SER B 215 -5.55 19.32 -7.88
CA SER B 215 -5.01 18.43 -6.84
C SER B 215 -3.51 18.17 -7.07
N ASP B 216 -3.08 18.13 -8.34
CA ASP B 216 -1.67 17.93 -8.69
C ASP B 216 -0.83 19.15 -8.30
N LEU B 217 -1.44 20.35 -8.35
CA LEU B 217 -0.78 21.61 -8.01
C LEU B 217 -0.52 21.71 -6.52
N TRP B 218 -1.43 21.17 -5.70
CA TRP B 218 -1.22 21.09 -4.25
C TRP B 218 0.00 20.18 -4.03
N SER B 219 0.04 18.97 -4.68
CA SER B 219 1.12 17.99 -4.55
C SER B 219 2.46 18.57 -5.02
N CYS B 220 2.43 19.49 -6.00
CA CYS B 220 3.62 20.16 -6.51
C CYS B 220 4.22 21.12 -5.41
N GLY B 221 3.35 21.77 -4.64
CA GLY B 221 3.76 22.63 -3.52
C GLY B 221 4.35 21.79 -2.41
N ILE B 222 3.74 20.61 -2.15
CA ILE B 222 4.28 19.70 -1.14
C ILE B 222 5.68 19.20 -1.56
N THR B 223 5.83 18.84 -2.84
CA THR B 223 7.10 18.37 -3.45
C THR B 223 8.16 19.49 -3.34
N ALA B 224 7.76 20.75 -3.47
CA ALA B 224 8.70 21.87 -3.34
C ALA B 224 9.15 21.99 -1.88
N ILE B 225 8.26 21.75 -0.89
CA ILE B 225 8.64 21.74 0.53
C ILE B 225 9.58 20.54 0.79
N GLU B 226 9.29 19.39 0.18
CA GLU B 226 10.08 18.16 0.28
C GLU B 226 11.52 18.43 -0.24
N MET B 227 11.67 19.19 -1.35
CA MET B 227 12.98 19.55 -1.90
C MET B 227 13.68 20.55 -0.98
N ALA B 228 12.93 21.46 -0.34
CA ALA B 228 13.50 22.47 0.54
C ALA B 228 13.91 21.93 1.89
N GLU B 229 13.13 20.97 2.42
CA GLU B 229 13.31 20.46 3.78
C GLU B 229 13.75 19.02 3.93
N GLY B 230 13.70 18.25 2.85
CA GLY B 230 14.08 16.83 2.87
C GLY B 230 12.91 15.90 3.15
N ALA B 231 11.73 16.46 3.56
CA ALA B 231 10.55 15.67 3.90
C ALA B 231 9.27 16.51 3.73
N PRO B 232 8.10 15.87 3.47
CA PRO B 232 6.86 16.66 3.36
C PRO B 232 6.38 17.13 4.75
N PRO B 233 5.46 18.12 4.81
CA PRO B 233 4.93 18.53 6.12
C PRO B 233 4.24 17.32 6.80
N LEU B 234 4.14 17.34 8.12
CA LEU B 234 3.50 16.28 8.94
C LEU B 234 4.21 14.94 8.96
N CYS B 235 5.47 14.89 8.52
N CYS B 235 5.46 14.85 8.48
CA CYS B 235 6.27 13.66 8.50
CA CYS B 235 6.17 13.57 8.51
C CYS B 235 6.50 13.10 9.90
C CYS B 235 6.54 13.08 9.91
N ASP B 236 6.36 13.95 10.93
CA ASP B 236 6.53 13.59 12.34
C ASP B 236 5.25 12.92 12.90
N MET B 237 4.17 12.85 12.08
CA MET B 237 2.86 12.32 12.44
C MET B 237 2.67 10.90 11.89
N HIS B 238 1.88 10.06 12.62
CA HIS B 238 1.44 8.73 12.16
C HIS B 238 0.58 9.00 10.90
N PRO B 239 0.66 8.18 9.83
CA PRO B 239 -0.12 8.44 8.58
C PRO B 239 -1.63 8.71 8.76
N MET B 240 -2.31 7.96 9.68
CA MET B 240 -3.74 8.14 9.96
C MET B 240 -3.99 9.51 10.59
N ARG B 241 -3.10 9.95 11.50
CA ARG B 241 -3.21 11.28 12.11
C ARG B 241 -3.00 12.41 11.04
N ALA B 242 -2.01 12.24 10.16
CA ALA B 242 -1.74 13.19 9.06
C ALA B 242 -2.96 13.28 8.11
N LEU B 243 -3.58 12.12 7.82
CA LEU B 243 -4.78 12.05 6.96
C LEU B 243 -5.93 12.87 7.55
N PHE B 244 -6.06 12.87 8.88
CA PHE B 244 -7.06 13.65 9.63
C PHE B 244 -6.71 15.16 9.59
N LEU B 245 -5.43 15.51 9.81
CA LEU B 245 -4.99 16.90 9.88
C LEU B 245 -4.98 17.68 8.55
N ILE B 246 -4.59 17.08 7.42
CA ILE B 246 -4.52 17.77 6.12
C ILE B 246 -5.78 18.61 5.77
N PRO B 247 -7.01 18.04 5.78
CA PRO B 247 -8.20 18.87 5.45
C PRO B 247 -8.52 19.92 6.51
N ARG B 248 -8.04 19.73 7.75
CA ARG B 248 -8.35 20.63 8.87
C ARG B 248 -7.35 21.72 9.14
N ASN B 249 -6.07 21.42 9.00
CA ASN B 249 -4.99 22.37 9.27
C ASN B 249 -4.94 23.51 8.25
N PRO B 250 -4.50 24.73 8.61
CA PRO B 250 -4.31 25.76 7.58
C PRO B 250 -3.23 25.28 6.58
N PRO B 251 -3.05 25.91 5.41
CA PRO B 251 -1.99 25.45 4.49
C PRO B 251 -0.63 25.30 5.16
N PRO B 252 0.12 24.22 4.83
CA PRO B 252 1.48 24.08 5.36
C PRO B 252 2.40 25.21 4.87
N ARG B 253 3.46 25.49 5.62
CA ARG B 253 4.46 26.47 5.20
C ARG B 253 5.87 25.98 5.48
N LEU B 254 6.84 26.61 4.84
CA LEU B 254 8.26 26.33 5.04
C LEU B 254 8.63 26.68 6.50
N LYS B 255 9.43 25.84 7.13
CA LYS B 255 9.85 26.02 8.53
C LYS B 255 10.81 27.22 8.67
N SER B 256 11.75 27.37 7.71
CA SER B 256 12.79 28.40 7.74
C SER B 256 12.36 29.73 7.12
N LYS B 257 12.90 30.84 7.68
CA LYS B 257 12.65 32.21 7.20
C LYS B 257 13.74 32.65 6.21
N LYS B 258 14.68 31.75 5.88
CA LYS B 258 15.80 32.04 4.98
C LYS B 258 15.41 32.21 3.51
N TRP B 259 14.34 31.52 3.09
CA TRP B 259 13.87 31.51 1.70
C TRP B 259 13.40 32.87 1.23
N SER B 260 13.39 33.06 -0.09
CA SER B 260 12.98 34.32 -0.69
C SER B 260 11.47 34.52 -0.58
N LYS B 261 11.03 35.79 -0.73
CA LYS B 261 9.63 36.17 -0.73
C LYS B 261 8.89 35.46 -1.90
N LYS B 262 9.57 35.32 -3.06
CA LYS B 262 9.06 34.65 -4.26
C LYS B 262 8.72 33.17 -3.95
N PHE B 263 9.59 32.48 -3.23
CA PHE B 263 9.40 31.08 -2.88
C PHE B 263 8.25 30.92 -1.91
N PHE B 264 8.17 31.76 -0.85
CA PHE B 264 7.06 31.70 0.09
C PHE B 264 5.75 31.93 -0.63
N SER B 265 5.77 32.82 -1.63
CA SER B 265 4.61 33.14 -2.46
C SER B 265 4.24 31.99 -3.37
N PHE B 266 5.22 31.25 -3.93
CA PHE B 266 4.93 30.11 -4.81
C PHE B 266 4.26 29.00 -4.00
N ILE B 267 4.79 28.71 -2.80
CA ILE B 267 4.24 27.69 -1.90
C ILE B 267 2.80 28.04 -1.55
N GLU B 268 2.57 29.32 -1.20
CA GLU B 268 1.24 29.81 -0.86
C GLU B 268 0.28 29.63 -2.03
N GLY B 269 0.79 29.89 -3.24
CA GLY B 269 0.07 29.71 -4.49
C GLY B 269 -0.40 28.30 -4.71
N CYS B 270 0.51 27.30 -4.59
CA CYS B 270 0.22 25.84 -4.69
C CYS B 270 -0.74 25.36 -3.61
N LEU B 271 -0.53 25.86 -2.41
CA LEU B 271 -1.22 25.33 -1.24
C LEU B 271 -2.47 26.10 -0.82
N VAL B 272 -3.33 26.41 -1.77
CA VAL B 272 -4.63 27.04 -1.45
C VAL B 272 -5.50 25.85 -1.01
N LYS B 273 -6.07 25.92 0.19
CA LYS B 273 -6.85 24.84 0.75
C LYS B 273 -8.04 24.41 -0.06
N ASN B 274 -8.85 25.38 -0.50
CA ASN B 274 -10.01 25.12 -1.35
C ASN B 274 -9.52 25.07 -2.79
N TYR B 275 -9.59 23.90 -3.42
CA TYR B 275 -9.14 23.72 -4.80
C TYR B 275 -9.82 24.62 -5.83
N MET B 276 -11.04 25.07 -5.53
CA MET B 276 -11.82 25.94 -6.44
C MET B 276 -11.15 27.31 -6.55
N GLN B 277 -10.36 27.65 -5.53
CA GLN B 277 -9.66 28.92 -5.44
C GLN B 277 -8.16 28.79 -5.69
N ARG B 278 -7.73 27.61 -6.09
CA ARG B 278 -6.31 27.35 -6.31
C ARG B 278 -5.95 27.73 -7.77
N PRO B 279 -4.79 28.31 -8.05
CA PRO B 279 -4.48 28.68 -9.45
C PRO B 279 -4.32 27.45 -10.35
N SER B 280 -4.47 27.64 -11.68
CA SER B 280 -4.27 26.55 -12.65
C SER B 280 -2.77 26.41 -12.89
N THR B 281 -2.39 25.37 -13.64
CA THR B 281 -0.99 25.11 -14.01
C THR B 281 -0.41 26.29 -14.82
N GLU B 282 -1.19 26.82 -15.76
CA GLU B 282 -0.78 27.96 -16.59
C GLU B 282 -0.53 29.21 -15.75
N GLN B 283 -1.35 29.43 -14.73
CA GLN B 283 -1.15 30.57 -13.82
C GLN B 283 0.11 30.38 -12.99
N LEU B 284 0.33 29.14 -12.48
CA LEU B 284 1.56 28.90 -11.68
C LEU B 284 2.82 28.99 -12.49
N LEU B 285 2.76 28.67 -13.80
CA LEU B 285 3.91 28.77 -14.70
C LEU B 285 4.34 30.23 -14.90
N LYS B 286 3.41 31.17 -14.63
CA LYS B 286 3.63 32.62 -14.70
C LYS B 286 3.98 33.22 -13.37
N HIS B 287 3.99 32.42 -12.28
CA HIS B 287 4.40 32.93 -10.97
C HIS B 287 5.91 33.37 -11.04
N PRO B 288 6.30 34.55 -10.48
CA PRO B 288 7.71 35.00 -10.56
C PRO B 288 8.78 33.98 -10.13
N PHE B 289 8.47 33.10 -9.15
CA PHE B 289 9.41 32.08 -8.68
C PHE B 289 9.73 31.07 -9.79
N ILE B 290 8.76 30.80 -10.65
CA ILE B 290 8.89 29.86 -11.76
C ILE B 290 9.32 30.56 -13.06
N ARG B 291 8.69 31.69 -13.34
CA ARG B 291 8.87 32.51 -14.54
C ARG B 291 10.26 33.11 -14.66
N ASP B 292 10.77 33.66 -13.55
CA ASP B 292 12.03 34.39 -13.50
C ASP B 292 13.17 33.59 -12.91
N GLN B 293 13.93 32.94 -13.79
CA GLN B 293 15.04 32.09 -13.40
C GLN B 293 16.31 32.55 -14.15
N PRO B 294 17.02 33.55 -13.59
CA PRO B 294 18.20 34.10 -14.30
C PRO B 294 19.40 33.14 -14.35
N ASN B 295 19.55 32.26 -13.34
CA ASN B 295 20.65 31.29 -13.26
C ASN B 295 20.34 29.90 -13.84
N GLU B 296 19.29 29.81 -14.68
CA GLU B 296 18.78 28.61 -15.34
C GLU B 296 19.86 27.72 -16.00
N ARG B 297 20.72 28.33 -16.85
CA ARG B 297 21.79 27.63 -17.56
C ARG B 297 22.76 26.97 -16.59
N GLN B 298 23.22 27.74 -15.59
CA GLN B 298 24.14 27.24 -14.54
C GLN B 298 23.49 26.18 -13.69
N VAL B 299 22.15 26.29 -13.47
CA VAL B 299 21.41 25.28 -12.68
C VAL B 299 21.45 23.92 -13.38
N ARG B 300 21.19 23.89 -14.70
CA ARG B 300 21.24 22.67 -15.50
C ARG B 300 22.64 22.03 -15.45
N ILE B 301 23.70 22.89 -15.48
CA ILE B 301 25.11 22.50 -15.38
C ILE B 301 25.37 21.93 -13.98
N GLN B 302 24.89 22.60 -12.91
CA GLN B 302 25.04 22.13 -11.53
C GLN B 302 24.38 20.76 -11.32
N LEU B 303 23.20 20.54 -11.94
CA LEU B 303 22.49 19.28 -11.84
C LEU B 303 23.20 18.16 -12.60
N LYS B 304 23.67 18.45 -13.82
CA LYS B 304 24.41 17.51 -14.66
C LYS B 304 25.68 17.06 -13.95
N ASP B 305 26.46 18.02 -13.41
CA ASP B 305 27.70 17.74 -12.69
C ASP B 305 27.45 16.87 -11.46
N HIS B 306 26.34 17.13 -10.73
CA HIS B 306 25.94 16.36 -9.54
C HIS B 306 25.68 14.91 -9.90
N ILE B 307 24.88 14.68 -10.95
CA ILE B 307 24.49 13.35 -11.45
C ILE B 307 25.72 12.49 -11.83
N ASP B 308 26.67 13.09 -12.58
CA ASP B 308 27.93 12.48 -13.01
C ASP B 308 28.80 12.10 -11.80
N ARG B 309 28.78 12.94 -10.75
CA ARG B 309 29.50 12.74 -9.49
C ARG B 309 28.88 11.61 -8.66
N THR B 310 27.54 11.49 -8.65
CA THR B 310 26.83 10.44 -7.92
C THR B 310 27.12 9.07 -8.54
N ARG B 311 27.27 9.03 -9.88
CA ARG B 311 27.59 7.82 -10.64
C ARG B 311 29.00 7.34 -10.28
N LYS B 312 30.01 8.24 -10.37
CA LYS B 312 31.42 7.95 -10.04
C LYS B 312 31.67 8.04 -8.53
O1 MES C . -20.67 -3.22 27.85
C2 MES C . -19.75 -4.31 27.93
C3 MES C . -20.02 -5.34 26.85
N4 MES C . -21.44 -5.84 26.95
C5 MES C . -22.39 -4.68 26.95
C6 MES C . -22.02 -3.69 28.02
C7 MES C . -21.72 -6.80 25.83
C8 MES C . -22.96 -7.63 26.06
S MES C . -23.06 -9.02 25.01
O1S MES C . -22.95 -8.54 23.65
O2S MES C . -24.34 -9.64 25.29
O3S MES C . -21.94 -9.87 25.38
NA NA D . 2.58 -20.44 18.38
CL7 2QV E . 5.76 -10.59 10.56
C1 2QV E . 2.93 -9.76 7.74
C2 2QV E . 2.77 -11.05 7.24
C3 2QV E . 3.61 -12.24 7.77
C4 2QV E . 4.52 -12.06 8.79
C5 2QV E . 4.67 -10.79 9.31
C6 2QV E . 3.94 -9.67 8.83
C8 2QV E . 3.44 -13.56 7.19
C9 2QV E . 2.95 -13.59 5.77
C10 2QV E . 2.76 -14.82 5.09
C11 2QV E . 3.03 -16.01 5.78
C12 2QV E . 3.52 -15.92 7.26
C13 2QV E . 3.71 -14.71 7.90
C14 2QV E . 3.73 -17.19 7.84
N15 2QV E . 3.50 -18.31 7.08
C16 2QV E . 3.12 -18.37 5.84
N17 2QV E . 2.86 -17.21 5.19
N18 2QV E . 4.13 -17.33 9.04
NA NA F . 10.11 12.06 -22.61
#